data_3FCK
#
_entry.id   3FCK
#
_cell.length_a   43.180
_cell.length_b   69.149
_cell.length_c   70.037
_cell.angle_alpha   90.000
_cell.angle_beta   90.000
_cell.angle_gamma   90.000
#
_symmetry.space_group_name_H-M   'P 21 21 21'
#
loop_
_entity.id
_entity.type
_entity.pdbx_description
1 polymer 'Uracil-DNA glycosylase'
2 non-polymer '3-({[3-({[(1E)-(2,6-dioxo-1,2,3,6-tetrahydropyrimidin-4-yl)methylidene]amino}oxy)propyl]amino}methyl)benzoic acid'
3 water water
#
_entity_poly.entity_id   1
_entity_poly.type   'polypeptide(L)'
_entity_poly.pdbx_seq_one_letter_code
;MEFFGESWKKHLSGEFGKPYFIKLMGFVAEERKHYTVYPPPHQVFTWTQMCDIKDVKVVILGQDPYHGPNQAHGLCFSVQ
RPVPPPPSLENIYKELSTDIEDFVHPGHGDLSGWAKQGVLLLNAVLTVRAHQANSHKERGWEQFTDAVVSWLNQNSNGLV
FLLWGSYAQKKGSAIDRKRHHVLQTAHPSPLSVYRGFFGCRHFSKTNELLQKSGKKPIDWKEL
;
_entity_poly.pdbx_strand_id   B
#
loop_
_chem_comp.id
_chem_comp.type
_chem_comp.name
_chem_comp.formula
FCK non-polymer '3-({[3-({[(1E)-(2,6-dioxo-1,2,3,6-tetrahydropyrimidin-4-yl)methylidene]amino}oxy)propyl]amino}methyl)benzoic acid' 'C16 H18 N4 O5'
#
# COMPACT_ATOMS: atom_id res chain seq x y z
N GLU A 2 2.53 -18.47 -9.29
CA GLU A 2 1.25 -18.85 -8.61
C GLU A 2 0.67 -17.66 -7.82
N PHE A 3 1.53 -16.92 -7.13
CA PHE A 3 1.08 -15.88 -6.20
C PHE A 3 1.25 -14.46 -6.72
N PHE A 4 1.81 -14.32 -7.91
CA PHE A 4 2.12 -13.02 -8.50
C PHE A 4 1.24 -12.78 -9.74
N GLY A 5 0.38 -11.77 -9.67
CA GLY A 5 -0.59 -11.47 -10.73
C GLY A 5 0.04 -11.25 -12.10
N GLU A 6 -0.56 -11.83 -13.13
CA GLU A 6 0.04 -11.90 -14.46
C GLU A 6 0.36 -10.54 -15.09
N SER A 7 -0.57 -9.58 -14.98
CA SER A 7 -0.37 -8.26 -15.59
C SER A 7 0.77 -7.49 -14.93
N TRP A 8 0.95 -7.73 -13.62
CA TRP A 8 2.03 -7.12 -12.86
C TRP A 8 3.33 -7.81 -13.23
N LYS A 9 3.29 -9.14 -13.29
CA LYS A 9 4.44 -9.96 -13.67
C LYS A 9 4.99 -9.54 -15.04
N LYS A 10 4.11 -9.33 -16.00
CA LYS A 10 4.48 -8.89 -17.34
C LYS A 10 5.39 -7.64 -17.31
N HIS A 11 5.05 -6.68 -16.46
CA HIS A 11 5.75 -5.39 -16.45
C HIS A 11 6.88 -5.27 -15.43
N LEU A 12 6.88 -6.14 -14.43
CA LEU A 12 7.86 -6.07 -13.33
C LEU A 12 8.93 -7.16 -13.37
N SER A 13 8.72 -8.18 -14.21
CA SER A 13 9.61 -9.36 -14.21
C SER A 13 11.05 -9.03 -14.62
N GLY A 14 11.26 -7.85 -15.19
CA GLY A 14 12.60 -7.34 -15.50
C GLY A 14 13.47 -7.22 -14.27
N GLU A 15 12.82 -7.12 -13.10
CA GLU A 15 13.52 -7.04 -11.83
C GLU A 15 14.03 -8.39 -11.34
N PHE A 16 13.36 -9.47 -11.74
CA PHE A 16 13.49 -10.76 -11.06
C PHE A 16 14.87 -11.38 -11.16
N GLY A 17 15.52 -11.21 -12.30
CA GLY A 17 16.84 -11.77 -12.54
C GLY A 17 17.99 -10.92 -12.05
N LYS A 18 17.68 -9.72 -11.55
CA LYS A 18 18.72 -8.81 -11.04
C LYS A 18 19.34 -9.36 -9.76
N PRO A 19 20.66 -9.15 -9.57
CA PRO A 19 21.36 -9.67 -8.40
C PRO A 19 20.65 -9.39 -7.07
N TYR A 20 20.19 -8.16 -6.86
CA TYR A 20 19.50 -7.79 -5.61
C TYR A 20 18.25 -8.63 -5.37
N PHE A 21 17.55 -8.98 -6.45
CA PHE A 21 16.29 -9.72 -6.31
C PHE A 21 16.53 -11.18 -5.92
N ILE A 22 17.46 -11.83 -6.61
CA ILE A 22 17.82 -13.22 -6.25
C ILE A 22 18.30 -13.29 -4.80
N LYS A 23 19.14 -12.33 -4.42
CA LYS A 23 19.65 -12.24 -3.05
C LYS A 23 18.49 -12.07 -2.05
N LEU A 24 17.56 -11.17 -2.38
CA LEU A 24 16.38 -10.94 -1.55
C LEU A 24 15.56 -12.22 -1.35
N MET A 25 15.31 -12.93 -2.45
CA MET A 25 14.55 -14.18 -2.40
C MET A 25 15.22 -15.20 -1.48
N GLY A 26 16.55 -15.30 -1.56
CA GLY A 26 17.34 -16.18 -0.69
C GLY A 26 17.25 -15.78 0.77
N PHE A 27 17.34 -14.48 1.02
CA PHE A 27 17.20 -13.94 2.38
C PHE A 27 15.86 -14.30 3.04
N VAL A 28 14.77 -14.04 2.32
CA VAL A 28 13.43 -14.34 2.85
C VAL A 28 13.24 -15.86 3.07
N ALA A 29 13.72 -16.66 2.12
CA ALA A 29 13.60 -18.12 2.23
C ALA A 29 14.33 -18.64 3.47
N GLU A 30 15.52 -18.11 3.70
CA GLU A 30 16.32 -18.48 4.87
C GLU A 30 15.62 -18.05 6.17
N GLU A 31 15.07 -16.84 6.17
CA GLU A 31 14.32 -16.32 7.31
C GLU A 31 13.12 -17.22 7.66
N ARG A 32 12.39 -17.67 6.64
CA ARG A 32 11.23 -18.53 6.84
C ARG A 32 11.61 -19.90 7.40
N LYS A 33 12.86 -20.29 7.25
CA LYS A 33 13.34 -21.57 7.80
C LYS A 33 13.57 -21.51 9.31
N HIS A 34 13.92 -20.33 9.82
CA HIS A 34 14.29 -20.18 11.23
C HIS A 34 13.29 -19.37 12.05
N TYR A 35 12.46 -18.59 11.35
CA TYR A 35 11.53 -17.68 12.02
C TYR A 35 10.14 -17.69 11.39
N THR A 36 9.16 -17.16 12.12
CA THR A 36 7.86 -16.91 11.52
C THR A 36 7.96 -15.57 10.80
N VAL A 37 7.65 -15.58 9.51
CA VAL A 37 7.73 -14.38 8.68
C VAL A 37 6.32 -14.03 8.18
N TYR A 38 5.94 -12.76 8.29
CA TYR A 38 4.66 -12.29 7.77
C TYR A 38 4.87 -11.35 6.57
N PRO A 39 3.90 -11.33 5.63
CA PRO A 39 2.74 -12.24 5.58
C PRO A 39 3.18 -13.64 5.14
N PRO A 40 2.25 -14.62 5.15
CA PRO A 40 2.51 -15.95 4.58
C PRO A 40 2.94 -15.83 3.11
N PRO A 41 3.70 -16.82 2.61
CA PRO A 41 4.19 -16.78 1.24
C PRO A 41 3.12 -16.43 0.20
N HIS A 42 1.93 -17.02 0.32
CA HIS A 42 0.88 -16.79 -0.69
C HIS A 42 0.26 -15.39 -0.68
N GLN A 43 0.62 -14.58 0.32
CA GLN A 43 0.05 -13.24 0.47
C GLN A 43 1.08 -12.10 0.44
N VAL A 44 2.33 -12.41 0.11
CA VAL A 44 3.35 -11.38 -0.06
C VAL A 44 2.99 -10.42 -1.20
N PHE A 45 2.34 -10.96 -2.23
CA PHE A 45 2.01 -10.18 -3.43
C PHE A 45 0.52 -10.02 -3.68
N THR A 46 -0.26 -9.94 -2.59
CA THR A 46 -1.71 -9.76 -2.71
C THR A 46 -2.05 -8.50 -3.50
N TRP A 47 -1.20 -7.48 -3.35
CA TRP A 47 -1.37 -6.21 -4.07
C TRP A 47 -1.32 -6.34 -5.60
N THR A 48 -0.80 -7.48 -6.09
CA THR A 48 -0.76 -7.78 -7.52
C THR A 48 -1.98 -8.60 -7.96
N GLN A 49 -2.79 -9.02 -6.99
CA GLN A 49 -3.86 -9.99 -7.23
C GLN A 49 -5.26 -9.38 -7.32
N MET A 50 -5.40 -8.13 -6.87
CA MET A 50 -6.71 -7.52 -6.64
C MET A 50 -7.25 -6.75 -7.85
N CYS A 51 -6.35 -6.22 -8.66
CA CYS A 51 -6.71 -5.54 -9.90
C CYS A 51 -5.57 -5.65 -10.91
N ASP A 52 -5.92 -5.48 -12.18
CA ASP A 52 -4.94 -5.43 -13.23
C ASP A 52 -4.09 -4.17 -13.05
N ILE A 53 -2.79 -4.28 -13.34
CA ILE A 53 -1.88 -3.14 -13.19
C ILE A 53 -2.36 -1.90 -13.97
N LYS A 54 -3.01 -2.14 -15.11
CA LYS A 54 -3.53 -1.06 -15.97
C LYS A 54 -4.70 -0.32 -15.32
N ASP A 55 -5.29 -0.93 -14.29
CA ASP A 55 -6.51 -0.40 -13.66
C ASP A 55 -6.24 0.32 -12.33
N VAL A 56 -4.95 0.50 -12.00
CA VAL A 56 -4.57 1.27 -10.82
C VAL A 56 -4.98 2.73 -10.99
N LYS A 57 -5.61 3.29 -9.96
CA LYS A 57 -6.08 4.69 -9.97
C LYS A 57 -5.44 5.53 -8.86
N VAL A 58 -5.19 4.89 -7.72
CA VAL A 58 -4.70 5.56 -6.53
C VAL A 58 -3.59 4.69 -5.94
N VAL A 59 -2.57 5.33 -5.38
CA VAL A 59 -1.45 4.61 -4.75
C VAL A 59 -1.24 5.13 -3.34
N ILE A 60 -1.39 4.23 -2.36
CA ILE A 60 -1.08 4.56 -0.98
C ILE A 60 0.18 3.80 -0.56
N LEU A 61 1.24 4.56 -0.26
CA LEU A 61 2.54 3.98 0.07
C LEU A 61 2.71 3.78 1.57
N GLY A 62 3.01 2.53 1.94
CA GLY A 62 3.33 2.16 3.31
C GLY A 62 4.81 1.85 3.50
N GLN A 63 5.15 1.49 4.73
CA GLN A 63 6.52 1.19 5.08
C GLN A 63 6.70 -0.33 5.29
N ASP A 64 6.45 -0.77 6.52
CA ASP A 64 6.66 -2.14 6.97
C ASP A 64 5.30 -2.87 7.09
N PRO A 65 5.28 -4.19 6.82
CA PRO A 65 4.04 -4.95 7.06
C PRO A 65 3.76 -5.05 8.56
N TYR A 66 2.50 -5.26 8.93
CA TYR A 66 2.17 -5.53 10.34
C TYR A 66 2.95 -6.76 10.78
N HIS A 67 3.41 -6.76 12.02
CA HIS A 67 4.29 -7.84 12.48
C HIS A 67 3.63 -8.76 13.50
N GLY A 68 2.33 -8.57 13.72
CA GLY A 68 1.57 -9.40 14.65
C GLY A 68 0.87 -10.56 13.95
N PRO A 69 0.57 -11.63 14.70
CA PRO A 69 -0.09 -12.78 14.08
C PRO A 69 -1.39 -12.39 13.39
N ASN A 70 -1.62 -12.95 12.20
CA ASN A 70 -2.89 -12.80 11.47
C ASN A 70 -3.16 -11.40 10.91
N GLN A 71 -2.22 -10.49 11.04
CA GLN A 71 -2.46 -9.10 10.63
C GLN A 71 -2.13 -8.84 9.16
N ALA A 72 -0.85 -8.95 8.79
CA ALA A 72 -0.43 -8.64 7.42
C ALA A 72 -0.97 -9.67 6.43
N HIS A 73 -1.52 -9.18 5.33
CA HIS A 73 -1.94 -10.09 4.25
C HIS A 73 -1.61 -9.56 2.85
N GLY A 74 -0.65 -8.65 2.77
CA GLY A 74 -0.13 -8.21 1.48
C GLY A 74 -0.63 -6.88 0.96
N LEU A 75 -1.47 -6.23 1.75
CA LEU A 75 -1.99 -4.89 1.43
C LEU A 75 -1.67 -3.97 2.60
N CYS A 76 -1.05 -2.82 2.33
CA CYS A 76 -0.68 -1.93 3.42
C CYS A 76 -1.91 -1.48 4.22
N PHE A 77 -1.76 -1.43 5.54
CA PHE A 77 -2.82 -1.00 6.50
C PHE A 77 -3.97 -1.98 6.74
N SER A 78 -4.16 -2.93 5.83
CA SER A 78 -5.31 -3.83 5.86
C SER A 78 -5.11 -5.00 6.83
N VAL A 79 -6.21 -5.46 7.44
CA VAL A 79 -6.23 -6.71 8.22
C VAL A 79 -7.52 -7.48 7.87
N GLN A 80 -7.39 -8.77 7.59
CA GLN A 80 -8.54 -9.59 7.22
C GLN A 80 -9.43 -9.86 8.43
N ARG A 81 -10.73 -10.06 8.20
CA ARG A 81 -11.65 -10.53 9.24
C ARG A 81 -11.07 -11.79 9.90
N PRO A 82 -11.26 -11.95 11.22
CA PRO A 82 -11.91 -11.08 12.19
C PRO A 82 -10.94 -10.18 12.97
N VAL A 83 -9.74 -9.97 12.43
CA VAL A 83 -8.72 -9.16 13.12
C VAL A 83 -9.21 -7.72 13.29
N PRO A 84 -9.13 -7.18 14.53
CA PRO A 84 -9.50 -5.78 14.72
C PRO A 84 -8.57 -4.83 13.96
N PRO A 85 -9.14 -3.79 13.33
CA PRO A 85 -8.31 -2.77 12.70
C PRO A 85 -7.31 -2.18 13.72
N PRO A 86 -6.02 -2.17 13.39
CA PRO A 86 -5.00 -1.52 14.24
C PRO A 86 -5.22 0.00 14.35
N PRO A 87 -4.57 0.66 15.32
CA PRO A 87 -4.81 2.08 15.59
C PRO A 87 -4.71 3.01 14.37
N SER A 88 -3.72 2.79 13.50
CA SER A 88 -3.58 3.59 12.27
C SER A 88 -4.82 3.47 11.39
N LEU A 89 -5.31 2.24 11.22
CA LEU A 89 -6.49 1.99 10.41
C LEU A 89 -7.75 2.60 11.03
N GLU A 90 -7.89 2.51 12.35
CA GLU A 90 -9.01 3.17 13.03
C GLU A 90 -9.00 4.67 12.74
N ASN A 91 -7.82 5.28 12.75
CA ASN A 91 -7.69 6.71 12.41
C ASN A 91 -8.04 7.02 10.95
N ILE A 92 -7.62 6.13 10.04
CA ILE A 92 -8.04 6.23 8.64
C ILE A 92 -9.57 6.23 8.55
N TYR A 93 -10.22 5.27 9.20
CA TYR A 93 -11.68 5.18 9.24
C TYR A 93 -12.35 6.41 9.86
N LYS A 94 -11.71 6.94 10.91
CA LYS A 94 -12.21 8.14 11.59
C LYS A 94 -12.22 9.33 10.64
N GLU A 95 -11.11 9.53 9.92
CA GLU A 95 -11.01 10.59 8.93
C GLU A 95 -12.05 10.39 7.83
N LEU A 96 -12.23 9.15 7.38
CA LEU A 96 -13.22 8.84 6.36
C LEU A 96 -14.65 9.18 6.79
N SER A 97 -14.93 8.99 8.07
CA SER A 97 -16.28 9.19 8.61
C SER A 97 -16.72 10.66 8.57
N THR A 98 -15.73 11.57 8.57
CA THR A 98 -16.01 13.01 8.52
C THR A 98 -15.80 13.57 7.10
N ASP A 99 -14.91 12.94 6.34
CA ASP A 99 -14.59 13.39 4.99
C ASP A 99 -15.65 12.91 3.99
N ILE A 100 -16.02 11.64 4.09
CA ILE A 100 -17.04 11.02 3.23
C ILE A 100 -18.30 10.86 4.06
N GLU A 101 -19.32 11.68 3.75
CA GLU A 101 -20.51 11.82 4.59
C GLU A 101 -21.17 10.50 4.98
N ASP A 102 -21.34 9.61 4.01
CA ASP A 102 -22.10 8.38 4.22
C ASP A 102 -21.22 7.19 4.61
N PHE A 103 -19.92 7.44 4.71
CA PHE A 103 -19.00 6.41 5.18
C PHE A 103 -19.25 6.11 6.66
N VAL A 104 -19.45 4.84 6.96
CA VAL A 104 -19.53 4.36 8.34
C VAL A 104 -18.57 3.19 8.52
N HIS A 105 -17.97 3.09 9.71
CA HIS A 105 -17.03 2.03 10.05
C HIS A 105 -17.60 0.67 9.61
N PRO A 106 -16.90 -0.01 8.66
CA PRO A 106 -17.40 -1.29 8.12
C PRO A 106 -17.42 -2.46 9.12
N GLY A 107 -16.85 -2.27 10.31
CA GLY A 107 -16.82 -3.31 11.33
C GLY A 107 -15.73 -4.37 11.12
N HIS A 108 -14.80 -4.07 10.23
CA HIS A 108 -13.66 -4.94 9.94
C HIS A 108 -12.56 -4.08 9.30
N GLY A 109 -11.35 -4.64 9.15
CA GLY A 109 -10.22 -3.88 8.59
C GLY A 109 -9.70 -4.31 7.23
N ASP A 110 -10.51 -5.07 6.49
CA ASP A 110 -10.09 -5.65 5.21
C ASP A 110 -10.30 -4.62 4.09
N LEU A 111 -9.20 -4.13 3.54
CA LEU A 111 -9.25 -3.10 2.50
C LEU A 111 -9.29 -3.66 1.07
N SER A 112 -9.56 -4.96 0.96
CA SER A 112 -9.64 -5.61 -0.35
C SER A 112 -10.60 -4.89 -1.31
N GLY A 113 -11.72 -4.39 -0.78
CA GLY A 113 -12.71 -3.68 -1.60
C GLY A 113 -12.16 -2.42 -2.25
N TRP A 114 -11.20 -1.77 -1.59
CA TRP A 114 -10.47 -0.66 -2.21
C TRP A 114 -9.48 -1.16 -3.27
N ALA A 115 -8.70 -2.18 -2.93
CA ALA A 115 -7.71 -2.73 -3.85
C ALA A 115 -8.34 -3.14 -5.20
N LYS A 116 -9.50 -3.78 -5.11
CA LYS A 116 -10.27 -4.19 -6.29
C LYS A 116 -10.70 -3.02 -7.18
N GLN A 117 -10.85 -1.84 -6.58
CA GLN A 117 -11.21 -0.62 -7.30
C GLN A 117 -10.00 0.11 -7.89
N GLY A 118 -8.82 -0.47 -7.72
CA GLY A 118 -7.59 0.14 -8.24
C GLY A 118 -6.90 1.07 -7.26
N VAL A 119 -7.16 0.89 -5.97
CA VAL A 119 -6.37 1.57 -4.94
C VAL A 119 -5.21 0.65 -4.58
N LEU A 120 -4.02 0.97 -5.06
CA LEU A 120 -2.82 0.18 -4.76
C LEU A 120 -2.32 0.43 -3.34
N LEU A 121 -2.33 -0.62 -2.52
CA LEU A 121 -1.94 -0.52 -1.12
C LEU A 121 -0.56 -1.15 -0.92
N LEU A 122 0.47 -0.40 -1.27
CA LEU A 122 1.81 -0.95 -1.41
C LEU A 122 2.76 -0.60 -0.26
N ASN A 123 3.14 -1.59 0.53
CA ASN A 123 4.25 -1.44 1.49
C ASN A 123 5.59 -1.37 0.76
N ALA A 124 6.54 -0.61 1.30
CA ALA A 124 7.88 -0.50 0.72
C ALA A 124 8.70 -1.77 0.95
N VAL A 125 8.48 -2.38 2.12
CA VAL A 125 9.13 -3.60 2.54
C VAL A 125 8.00 -4.64 2.67
N LEU A 126 8.14 -5.79 2.01
CA LEU A 126 7.01 -6.69 1.84
C LEU A 126 6.98 -7.90 2.78
N THR A 127 8.02 -8.06 3.59
CA THR A 127 8.05 -9.11 4.63
C THR A 127 8.62 -8.58 5.93
N VAL A 128 8.34 -9.27 7.02
CA VAL A 128 8.82 -8.89 8.35
C VAL A 128 8.88 -10.14 9.24
N ARG A 129 9.90 -10.22 10.08
CA ARG A 129 9.96 -11.28 11.08
C ARG A 129 8.91 -10.99 12.14
N ALA A 130 8.18 -12.02 12.57
CA ALA A 130 7.15 -11.89 13.60
C ALA A 130 7.66 -11.06 14.79
N HIS A 131 6.85 -10.09 15.21
CA HIS A 131 7.10 -9.28 16.42
C HIS A 131 8.31 -8.34 16.36
N GLN A 132 8.94 -8.27 15.20
CA GLN A 132 10.14 -7.46 15.04
C GLN A 132 10.00 -6.45 13.92
N ALA A 133 9.44 -5.28 14.24
CA ALA A 133 9.30 -4.19 13.26
C ALA A 133 10.63 -3.88 12.57
N ASN A 134 10.57 -3.66 11.26
CA ASN A 134 11.73 -3.27 10.44
C ASN A 134 12.83 -4.34 10.30
N SER A 135 12.53 -5.58 10.68
CA SER A 135 13.53 -6.66 10.66
C SER A 135 14.04 -7.02 9.27
N HIS A 136 13.21 -6.76 8.24
CA HIS A 136 13.62 -7.07 6.86
C HIS A 136 13.92 -5.81 6.06
N LYS A 137 14.17 -4.72 6.76
CA LYS A 137 14.49 -3.44 6.13
C LYS A 137 15.86 -3.52 5.45
N GLU A 138 15.95 -2.90 4.27
CA GLU A 138 17.20 -2.80 3.49
C GLU A 138 17.82 -4.15 3.10
N ARG A 139 16.95 -5.07 2.71
CA ARG A 139 17.36 -6.40 2.29
C ARG A 139 17.03 -6.66 0.82
N GLY A 140 16.51 -5.64 0.14
CA GLY A 140 16.19 -5.74 -1.27
C GLY A 140 14.80 -5.27 -1.64
N TRP A 141 13.86 -5.31 -0.69
CA TRP A 141 12.47 -4.94 -0.98
C TRP A 141 12.31 -3.51 -1.47
N GLU A 142 13.06 -2.59 -0.87
CA GLU A 142 12.99 -1.17 -1.20
C GLU A 142 13.25 -0.94 -2.68
N GLN A 143 14.27 -1.61 -3.22
CA GLN A 143 14.60 -1.48 -4.63
C GLN A 143 13.47 -2.02 -5.50
N PHE A 144 12.90 -3.16 -5.10
CA PHE A 144 11.80 -3.74 -5.85
C PHE A 144 10.57 -2.83 -5.87
N THR A 145 10.19 -2.33 -4.70
CA THR A 145 9.01 -1.47 -4.63
C THR A 145 9.25 -0.10 -5.26
N ASP A 146 10.50 0.38 -5.21
CA ASP A 146 10.92 1.57 -6.00
C ASP A 146 10.66 1.33 -7.48
N ALA A 147 10.99 0.12 -7.96
CA ALA A 147 10.75 -0.29 -9.34
C ALA A 147 9.25 -0.24 -9.70
N VAL A 148 8.41 -0.63 -8.74
CA VAL A 148 6.97 -0.61 -8.94
C VAL A 148 6.49 0.83 -9.08
N VAL A 149 6.91 1.69 -8.16
CA VAL A 149 6.50 3.09 -8.15
C VAL A 149 6.99 3.78 -9.42
N SER A 150 8.24 3.50 -9.80
CA SER A 150 8.80 4.05 -11.03
C SER A 150 8.00 3.64 -12.26
N TRP A 151 7.63 2.35 -12.33
CA TRP A 151 6.84 1.87 -13.47
C TRP A 151 5.50 2.61 -13.57
N LEU A 152 4.80 2.73 -12.45
CA LEU A 152 3.53 3.44 -12.41
C LEU A 152 3.71 4.92 -12.81
N ASN A 153 4.76 5.53 -12.28
CA ASN A 153 5.07 6.93 -12.61
C ASN A 153 5.24 7.12 -14.12
N GLN A 154 5.95 6.19 -14.75
CA GLN A 154 6.33 6.30 -16.16
C GLN A 154 5.27 5.81 -17.15
N ASN A 155 4.40 4.90 -16.69
CA ASN A 155 3.50 4.16 -17.59
C ASN A 155 2.01 4.31 -17.32
N SER A 156 1.66 5.01 -16.25
CA SER A 156 0.27 5.26 -15.96
C SER A 156 -0.01 6.75 -16.16
N ASN A 157 -1.28 7.13 -16.02
CA ASN A 157 -1.67 8.51 -16.25
C ASN A 157 -2.67 9.01 -15.22
N GLY A 158 -2.39 10.17 -14.65
CA GLY A 158 -3.32 10.84 -13.73
C GLY A 158 -3.60 10.06 -12.46
N LEU A 159 -2.59 9.34 -11.98
CA LEU A 159 -2.71 8.62 -10.71
C LEU A 159 -2.78 9.62 -9.56
N VAL A 160 -3.45 9.22 -8.47
CA VAL A 160 -3.41 9.99 -7.24
C VAL A 160 -2.54 9.20 -6.26
N PHE A 161 -1.41 9.79 -5.87
CA PHE A 161 -0.53 9.22 -4.84
C PHE A 161 -0.83 9.86 -3.48
N LEU A 162 -1.12 9.01 -2.49
CA LEU A 162 -1.37 9.47 -1.13
C LEU A 162 -0.15 9.13 -0.28
N LEU A 163 0.56 10.17 0.15
CA LEU A 163 1.83 9.99 0.87
C LEU A 163 1.71 10.46 2.31
N TRP A 164 1.59 9.49 3.21
CA TRP A 164 1.35 9.74 4.62
C TRP A 164 2.61 9.44 5.44
N GLY A 165 3.21 10.49 6.00
CA GLY A 165 4.45 10.35 6.76
C GLY A 165 5.69 10.60 5.90
N SER A 166 6.79 10.96 6.56
CA SER A 166 8.02 11.32 5.84
C SER A 166 8.60 10.18 5.00
N TYR A 167 8.45 8.93 5.47
CA TYR A 167 8.97 7.77 4.76
C TYR A 167 8.31 7.61 3.39
N ALA A 168 6.98 7.60 3.39
CA ALA A 168 6.19 7.55 2.16
C ALA A 168 6.50 8.75 1.25
N GLN A 169 6.67 9.92 1.86
CA GLN A 169 6.90 11.14 1.07
C GLN A 169 8.22 11.10 0.33
N LYS A 170 9.27 10.57 0.98
CA LYS A 170 10.55 10.37 0.33
C LYS A 170 10.45 9.34 -0.80
N LYS A 171 9.73 8.26 -0.54
CA LYS A 171 9.54 7.21 -1.55
C LYS A 171 8.84 7.76 -2.80
N GLY A 172 7.93 8.72 -2.61
CA GLY A 172 7.18 9.32 -3.72
C GLY A 172 7.74 10.62 -4.26
N SER A 173 8.95 10.98 -3.83
CA SER A 173 9.53 12.30 -4.13
C SER A 173 9.75 12.58 -5.63
N ALA A 174 10.04 11.53 -6.40
CA ALA A 174 10.38 11.66 -7.81
C ALA A 174 9.21 11.52 -8.78
N ILE A 175 8.00 11.36 -8.25
CA ILE A 175 6.78 11.28 -9.07
C ILE A 175 6.54 12.57 -9.86
N ASP A 176 6.22 12.41 -11.15
CA ASP A 176 5.85 13.53 -12.03
C ASP A 176 4.55 14.21 -11.58
N ARG A 177 4.71 15.41 -11.00
CA ARG A 177 3.58 16.15 -10.41
C ARG A 177 2.61 16.78 -11.42
N LYS A 178 2.96 16.71 -12.71
CA LYS A 178 2.07 17.20 -13.75
C LYS A 178 1.26 16.08 -14.38
N ARG A 179 1.93 14.94 -14.57
CA ARG A 179 1.29 13.74 -15.09
C ARG A 179 0.38 13.10 -14.02
N HIS A 180 0.82 13.16 -12.77
CA HIS A 180 0.13 12.54 -11.64
C HIS A 180 -0.22 13.57 -10.57
N HIS A 181 -1.08 13.20 -9.63
CA HIS A 181 -1.44 14.07 -8.52
C HIS A 181 -0.87 13.49 -7.23
N VAL A 182 -0.22 14.33 -6.44
CA VAL A 182 0.36 13.90 -5.18
C VAL A 182 -0.28 14.65 -4.01
N LEU A 183 -0.77 13.89 -3.03
CA LEU A 183 -1.27 14.44 -1.78
C LEU A 183 -0.38 13.97 -0.63
N GLN A 184 0.01 14.91 0.22
CA GLN A 184 0.90 14.61 1.35
C GLN A 184 0.29 15.10 2.66
N THR A 185 0.46 14.28 3.70
CA THR A 185 0.14 14.68 5.06
C THR A 185 0.88 13.78 6.06
N ALA A 186 0.59 13.97 7.35
CA ALA A 186 1.17 13.17 8.42
C ALA A 186 0.69 11.72 8.37
N HIS A 187 1.47 10.83 8.98
CA HIS A 187 1.11 9.43 9.12
C HIS A 187 -0.11 9.30 10.05
N PRO A 188 -1.06 8.40 9.72
CA PRO A 188 -2.25 8.24 10.57
C PRO A 188 -2.04 7.53 11.91
N SER A 189 -0.81 7.14 12.23
CA SER A 189 -0.49 6.61 13.56
C SER A 189 -0.93 7.59 14.65
N PRO A 190 -1.42 7.06 15.81
CA PRO A 190 -1.81 7.94 16.91
C PRO A 190 -0.77 9.01 17.27
N LEU A 191 0.52 8.69 17.15
CA LEU A 191 1.57 9.64 17.54
C LEU A 191 1.70 10.85 16.62
N SER A 192 1.19 10.72 15.39
CA SER A 192 1.35 11.77 14.38
C SER A 192 0.03 12.22 13.74
N VAL A 193 -1.06 11.51 14.02
CA VAL A 193 -2.34 11.74 13.33
C VAL A 193 -2.85 13.19 13.43
N TYR A 194 -2.60 13.84 14.57
CA TYR A 194 -3.04 15.22 14.77
C TYR A 194 -2.05 16.25 14.23
N ARG A 195 -1.01 15.78 13.56
CA ARG A 195 -0.06 16.68 12.90
C ARG A 195 -0.39 16.89 11.42
N GLY A 196 -1.65 16.65 11.07
CA GLY A 196 -2.14 16.93 9.73
C GLY A 196 -3.11 15.92 9.15
N PHE A 197 -2.98 14.64 9.55
CA PHE A 197 -3.82 13.60 8.97
C PHE A 197 -5.29 13.84 9.25
N PHE A 198 -5.65 14.06 10.51
CA PHE A 198 -7.02 14.43 10.84
C PHE A 198 -7.35 15.79 10.21
N GLY A 199 -8.38 15.82 9.36
CA GLY A 199 -8.74 17.01 8.61
C GLY A 199 -8.05 17.14 7.26
N CYS A 200 -7.26 16.14 6.86
CA CYS A 200 -6.57 16.19 5.57
C CYS A 200 -7.53 16.07 4.38
N ARG A 201 -8.67 15.42 4.60
CA ARG A 201 -9.71 15.20 3.58
C ARG A 201 -9.18 14.57 2.28
N HIS A 202 -8.19 13.68 2.41
CA HIS A 202 -7.53 13.09 1.25
C HIS A 202 -8.46 12.26 0.38
N PHE A 203 -9.48 11.67 0.99
CA PHE A 203 -10.36 10.72 0.32
C PHE A 203 -11.35 11.42 -0.63
N SER A 204 -12.01 12.47 -0.17
CA SER A 204 -12.82 13.30 -1.06
C SER A 204 -11.96 13.96 -2.13
N LYS A 205 -10.81 14.52 -1.72
CA LYS A 205 -9.87 15.17 -2.63
C LYS A 205 -9.40 14.23 -3.73
N THR A 206 -9.12 12.99 -3.37
CA THR A 206 -8.71 11.97 -4.35
C THR A 206 -9.74 11.85 -5.47
N ASN A 207 -11.01 11.74 -5.09
CA ASN A 207 -12.09 11.60 -6.07
C ASN A 207 -12.25 12.81 -7.01
N GLU A 208 -12.02 14.00 -6.46
CA GLU A 208 -12.03 15.24 -7.26
C GLU A 208 -10.91 15.21 -8.31
N LEU A 209 -9.71 14.83 -7.88
CA LEU A 209 -8.56 14.72 -8.76
C LEU A 209 -8.78 13.64 -9.84
N LEU A 210 -9.36 12.52 -9.44
CA LEU A 210 -9.69 11.45 -10.38
C LEU A 210 -10.64 11.92 -11.47
N GLN A 211 -11.63 12.74 -11.11
CA GLN A 211 -12.55 13.31 -12.10
C GLN A 211 -11.78 14.19 -13.10
N LYS A 212 -10.83 14.97 -12.58
CA LYS A 212 -9.99 15.83 -13.39
C LYS A 212 -9.04 15.03 -14.29
N SER A 213 -8.81 13.78 -13.92
CA SER A 213 -8.05 12.83 -14.74
C SER A 213 -8.95 12.05 -15.70
N GLY A 214 -10.25 12.35 -15.68
CA GLY A 214 -11.22 11.71 -16.57
C GLY A 214 -11.65 10.33 -16.10
N LYS A 215 -11.50 10.10 -14.80
CA LYS A 215 -11.73 8.78 -14.21
C LYS A 215 -12.84 8.80 -13.17
N LYS A 216 -13.52 7.65 -13.05
CA LYS A 216 -14.60 7.47 -12.08
C LYS A 216 -14.02 7.35 -10.68
N PRO A 217 -14.74 7.86 -9.67
CA PRO A 217 -14.19 7.90 -8.32
C PRO A 217 -14.14 6.55 -7.63
N ILE A 218 -13.32 6.47 -6.58
CA ILE A 218 -13.34 5.35 -5.67
C ILE A 218 -14.56 5.45 -4.77
N ASP A 219 -15.28 4.35 -4.60
CA ASP A 219 -16.29 4.30 -3.55
C ASP A 219 -15.61 3.82 -2.28
N TRP A 220 -15.29 4.74 -1.38
CA TRP A 220 -14.54 4.40 -0.16
C TRP A 220 -15.33 3.51 0.79
N LYS A 221 -16.65 3.49 0.62
CA LYS A 221 -17.54 2.66 1.41
C LYS A 221 -17.57 1.21 0.96
N GLU A 222 -17.06 0.95 -0.25
CA GLU A 222 -17.12 -0.38 -0.86
C GLU A 222 -16.03 -1.27 -0.26
N LEU A 223 -16.33 -1.78 0.92
CA LEU A 223 -15.43 -2.63 1.70
C LEU A 223 -16.18 -3.85 2.20
C1 FCK B . -1.43 6.38 19.82
C2 FCK B . -0.51 6.26 18.78
C3 FCK B . -0.72 5.35 17.75
C4 FCK B . -1.87 4.56 17.77
C5 FCK B . -2.79 4.67 18.80
C6 FCK B . -2.58 5.58 19.83
C7 FCK B . 0.39 5.32 14.15
O39 FCK B . -4.17 3.03 17.92
C38 FCK B . -3.99 3.82 18.79
O40 FCK B . -4.85 3.99 19.81
C17 FCK B . 0.26 5.21 16.62
N18 FCK B . -0.30 5.74 15.37
C22 FCK B . -0.08 3.95 13.65
C23 FCK B . 0.59 3.53 12.35
O27 FCK B . 0.09 2.28 11.95
N31 FCK B . 0.94 1.40 11.01
C30 FCK B . 0.32 0.73 10.13
C16 FCK B . 0.99 0.29 8.89
N11 FCK B . 1.96 1.04 8.32
C15 FCK B . 0.62 -0.90 8.28
C14 FCK B . 1.26 -1.29 7.10
O33 FCK B . 0.94 -2.35 6.53
N13 FCK B . 2.21 -0.51 6.58
C12 FCK B . 2.56 0.64 7.19
O34 FCK B . 3.46 1.33 6.67
#